data_7V15
#
_entry.id   7V15
#
_cell.length_a   59.640
_cell.length_b   59.780
_cell.length_c   67.120
_cell.angle_alpha   90.000
_cell.angle_beta   90.000
_cell.angle_gamma   90.000
#
_symmetry.space_group_name_H-M   'P 21 21 21'
#
loop_
_entity.id
_entity.type
_entity.pdbx_description
1 polymer 'Coagulation factor XIa light chain'
2 non-polymer 'CITRIC ACID'
3 non-polymer 5-[1-[(1~{R})-1-[5-[3-chloranyl-2-fluoranyl-6-(1,2,3,4-tetrazol-1-yl)phenyl]-1-oxidanyl-pyridin-2-yl]-2-cyclopropyl-ethyl]pyrazol-4-yl]-4-methyl-1,3-thiazole
4 water water
#
_entity_poly.entity_id   1
_entity_poly.type   'polypeptide(L)'
_entity_poly.pdbx_seq_one_letter_code
;IVGGTASVRGEWPWQVTLHTTSPTQRHLCGGSIIGNQWILTAAHCFYGVESPKILRVYSGILNQSEIKEDTSFFGVQEII
IHDQYKMAESGYDIALLKLETTVNYTDSQRPISLPSKGDRNVIYTDCWVTGWGYRKLRDKIQNTLQKAKIPLVTNEECQK
RYRGHKITHKMICAGYREGGKDACKGDSGGPLSCKHNEVWHLVGITSWGEGCAQRERPGVYTNVVEYVDWILEKTQAV
;
_entity_poly.pdbx_strand_id   A
#
# COMPACT_ATOMS: atom_id res chain seq x y z
N ILE A 1 -10.80 -2.05 -3.31
CA ILE A 1 -11.42 -1.42 -2.14
C ILE A 1 -12.90 -1.75 -2.10
N VAL A 2 -13.35 -2.35 -0.99
CA VAL A 2 -14.75 -2.65 -0.76
C VAL A 2 -15.41 -1.44 -0.09
N GLY A 3 -16.61 -1.10 -0.56
CA GLY A 3 -17.35 -0.02 0.07
C GLY A 3 -16.77 1.35 -0.14
N GLY A 4 -15.88 1.51 -1.13
CA GLY A 4 -15.23 2.77 -1.39
C GLY A 4 -15.93 3.59 -2.47
N THR A 5 -15.29 4.68 -2.86
CA THR A 5 -15.81 5.55 -3.89
C THR A 5 -14.67 5.98 -4.81
N ALA A 6 -15.06 6.45 -6.00
CA ALA A 6 -14.06 6.81 -6.99
C ALA A 6 -13.28 8.04 -6.53
N SER A 7 -11.98 8.04 -6.81
CA SER A 7 -11.14 9.20 -6.56
C SER A 7 -11.18 10.15 -7.76
N VAL A 8 -10.62 11.34 -7.58
CA VAL A 8 -10.49 12.30 -8.66
C VAL A 8 -9.00 12.52 -8.93
N ARG A 9 -8.71 13.07 -10.11
CA ARG A 9 -7.33 13.28 -10.53
C ARG A 9 -6.59 14.18 -9.54
N GLY A 10 -5.39 13.76 -9.17
CA GLY A 10 -4.56 14.50 -8.25
C GLY A 10 -4.86 14.26 -6.78
N GLU A 11 -5.86 13.44 -6.46
CA GLU A 11 -6.30 13.32 -5.07
C GLU A 11 -5.31 12.55 -4.20
N TRP A 12 -4.65 11.53 -4.75
CA TRP A 12 -3.71 10.68 -3.99
C TRP A 12 -2.41 10.59 -4.78
N PRO A 13 -1.64 11.69 -4.84
CA PRO A 13 -0.54 11.74 -5.82
C PRO A 13 0.67 10.88 -5.44
N TRP A 14 0.73 10.31 -4.24
CA TRP A 14 1.78 9.35 -3.89
C TRP A 14 1.44 7.93 -4.31
N GLN A 15 0.19 7.67 -4.72
CA GLN A 15 -0.22 6.33 -5.10
C GLN A 15 0.33 5.98 -6.48
N VAL A 16 0.98 4.82 -6.58
CA VAL A 16 1.39 4.30 -7.88
C VAL A 16 0.72 2.95 -8.13
N THR A 17 0.69 2.56 -9.40
CA THR A 17 0.29 1.21 -9.78
C THR A 17 1.51 0.50 -10.32
N LEU A 18 1.83 -0.63 -9.71
CA LEU A 18 2.97 -1.46 -10.11
C LEU A 18 2.43 -2.52 -11.05
N HIS A 19 2.93 -2.55 -12.28
CA HIS A 19 2.53 -3.55 -13.26
C HIS A 19 3.63 -4.60 -13.40
N THR A 20 3.21 -5.85 -13.57
CA THR A 20 4.08 -6.87 -14.11
C THR A 20 3.83 -6.97 -15.60
N THR A 21 4.82 -7.47 -16.34
CA THR A 21 4.65 -7.68 -17.78
C THR A 21 4.84 -9.13 -18.20
N SER A 22 4.68 -10.08 -17.28
CA SER A 22 4.93 -11.49 -17.55
C SER A 22 3.81 -12.32 -16.95
N PRO A 23 3.11 -13.13 -17.74
CA PRO A 23 3.26 -13.31 -19.20
C PRO A 23 2.51 -12.25 -19.98
N THR A 24 1.77 -11.41 -19.26
CA THR A 24 1.05 -10.32 -19.89
C THR A 24 1.08 -9.13 -18.94
N GLN A 25 0.82 -7.94 -19.50
CA GLN A 25 0.90 -6.75 -18.66
C GLN A 25 -0.40 -6.56 -17.88
N ARG A 26 -0.26 -6.35 -16.56
CA ARG A 26 -1.42 -6.13 -15.71
C ARG A 26 -0.97 -5.49 -14.42
N HIS A 27 -1.91 -4.80 -13.78
CA HIS A 27 -1.69 -4.29 -12.43
C HIS A 27 -1.39 -5.44 -11.46
N LEU A 28 -0.33 -5.27 -10.68
CA LEU A 28 0.10 -6.27 -9.71
C LEU A 28 -0.14 -5.81 -8.28
N CYS A 29 0.20 -4.59 -7.97
CA CYS A 29 0.13 -4.13 -6.59
C CYS A 29 0.07 -2.62 -6.58
N GLY A 30 -0.36 -2.07 -5.44
CA GLY A 30 -0.19 -0.66 -5.20
C GLY A 30 1.18 -0.36 -4.63
N GLY A 31 1.48 0.93 -4.51
CA GLY A 31 2.70 1.36 -3.85
C GLY A 31 2.63 2.84 -3.58
N SER A 32 3.62 3.34 -2.83
CA SER A 32 3.65 4.75 -2.44
C SER A 32 4.99 5.39 -2.78
N ILE A 33 4.94 6.59 -3.36
CA ILE A 33 6.16 7.38 -3.54
C ILE A 33 6.61 7.91 -2.19
N ILE A 34 7.82 7.57 -1.76
CA ILE A 34 8.40 8.15 -0.54
C ILE A 34 9.69 8.91 -0.79
N GLY A 35 10.25 8.85 -2.00
CA GLY A 35 11.42 9.65 -2.34
C GLY A 35 11.49 9.72 -3.84
N ASN A 36 12.43 10.53 -4.35
CA ASN A 36 12.43 10.74 -5.80
C ASN A 36 12.75 9.48 -6.58
N GLN A 37 13.44 8.51 -5.96
CA GLN A 37 13.78 7.25 -6.62
CA GLN A 37 13.75 7.24 -6.64
C GLN A 37 13.25 6.04 -5.85
N TRP A 38 12.26 6.23 -4.96
CA TRP A 38 11.89 5.20 -4.00
C TRP A 38 10.39 5.01 -3.88
N ILE A 39 9.95 3.76 -4.06
CA ILE A 39 8.58 3.32 -3.83
C ILE A 39 8.56 2.36 -2.65
N LEU A 40 7.62 2.56 -1.72
CA LEU A 40 7.39 1.62 -0.63
C LEU A 40 6.15 0.77 -0.96
N THR A 41 6.30 -0.56 -0.87
CA THR A 41 5.21 -1.47 -1.22
C THR A 41 5.30 -2.71 -0.33
N ALA A 42 4.55 -3.76 -0.68
CA ALA A 42 4.53 -4.99 0.11
C ALA A 42 5.43 -6.06 -0.51
N ALA A 43 6.16 -6.77 0.35
CA ALA A 43 7.05 -7.83 -0.11
C ALA A 43 6.30 -8.97 -0.80
N HIS A 44 5.08 -9.26 -0.34
N HIS A 44 5.09 -9.28 -0.35
CA HIS A 44 4.28 -10.35 -0.92
CA HIS A 44 4.38 -10.41 -0.96
C HIS A 44 4.07 -10.14 -2.40
C HIS A 44 4.01 -10.15 -2.41
N CYS A 45 4.05 -8.89 -2.86
CA CYS A 45 3.79 -8.59 -4.27
C CYS A 45 4.74 -9.29 -5.21
N PHE A 46 5.94 -9.66 -4.75
CA PHE A 46 6.97 -10.16 -5.65
C PHE A 46 7.09 -11.68 -5.63
N TYR A 47 6.13 -12.38 -5.02
CA TYR A 47 6.03 -13.82 -5.20
C TYR A 47 5.94 -14.16 -6.68
N GLY A 48 6.85 -14.98 -7.16
CA GLY A 48 6.81 -15.35 -8.56
C GLY A 48 7.32 -14.30 -9.54
N VAL A 49 7.85 -13.19 -9.06
CA VAL A 49 8.48 -12.19 -9.92
C VAL A 49 9.93 -12.61 -10.14
N GLU A 50 10.28 -12.93 -11.41
CA GLU A 50 11.59 -13.49 -11.72
C GLU A 50 12.70 -12.50 -11.49
N SER A 51 12.46 -11.23 -11.77
CA SER A 51 13.48 -10.20 -11.61
C SER A 51 12.82 -8.84 -11.76
N PRO A 52 13.51 -7.75 -11.41
CA PRO A 52 12.94 -6.41 -11.63
C PRO A 52 12.71 -6.07 -13.09
N LYS A 53 13.32 -6.82 -14.01
CA LYS A 53 13.24 -6.52 -15.44
C LYS A 53 11.80 -6.47 -15.93
N ILE A 54 10.89 -7.23 -15.30
CA ILE A 54 9.53 -7.32 -15.81
C ILE A 54 8.58 -6.33 -15.16
N LEU A 55 9.07 -5.47 -14.28
CA LEU A 55 8.22 -4.54 -13.56
C LEU A 55 8.16 -3.18 -14.26
N ARG A 56 7.02 -2.51 -14.10
CA ARG A 56 6.84 -1.13 -14.55
C ARG A 56 6.12 -0.37 -13.45
N VAL A 57 6.62 0.81 -13.08
CA VAL A 57 5.93 1.65 -12.11
C VAL A 57 5.31 2.82 -12.84
N TYR A 58 3.99 2.97 -12.72
CA TYR A 58 3.26 4.07 -13.32
C TYR A 58 2.79 5.02 -12.23
N SER A 59 3.09 6.30 -12.41
CA SER A 59 2.64 7.30 -11.45
C SER A 59 1.69 8.25 -12.15
N GLY A 60 0.97 9.02 -11.33
CA GLY A 60 0.05 10.01 -11.87
C GLY A 60 -1.13 9.42 -12.60
N ILE A 61 -1.48 8.17 -12.29
CA ILE A 61 -2.56 7.45 -12.96
C ILE A 61 -3.81 7.52 -12.10
N LEU A 62 -4.92 7.93 -12.71
CA LEU A 62 -6.23 7.76 -12.10
C LEU A 62 -6.93 6.51 -12.60
N ASN A 63 -7.08 6.38 -13.92
CA ASN A 63 -7.73 5.24 -14.54
C ASN A 63 -6.69 4.32 -15.16
N GLN A 64 -6.82 3.03 -14.91
CA GLN A 64 -5.90 2.07 -15.53
C GLN A 64 -5.96 2.17 -17.05
N SER A 65 -7.11 2.56 -17.60
CA SER A 65 -7.25 2.67 -19.05
C SER A 65 -6.40 3.79 -19.64
N GLU A 66 -5.83 4.68 -18.81
CA GLU A 66 -4.91 5.69 -19.30
C GLU A 66 -3.59 5.09 -19.80
N ILE A 67 -3.27 3.86 -19.39
CA ILE A 67 -1.97 3.28 -19.66
C ILE A 67 -2.01 2.58 -21.02
N LYS A 68 -1.29 3.14 -21.99
CA LYS A 68 -1.16 2.61 -23.35
C LYS A 68 0.30 2.30 -23.63
N GLU A 69 0.57 1.84 -24.86
CA GLU A 69 1.90 1.37 -25.21
C GLU A 69 2.94 2.49 -25.21
N ASP A 70 2.50 3.75 -25.31
CA ASP A 70 3.40 4.90 -25.27
C ASP A 70 3.37 5.65 -23.94
N THR A 71 2.62 5.15 -22.94
CA THR A 71 2.59 5.80 -21.64
C THR A 71 3.93 5.63 -20.94
N SER A 72 4.48 6.73 -20.44
CA SER A 72 5.77 6.63 -19.77
C SER A 72 5.64 5.95 -18.40
N PHE A 73 6.68 5.22 -18.03
CA PHE A 73 6.71 4.53 -16.75
C PHE A 73 8.15 4.57 -16.24
N PHE A 74 8.33 4.19 -14.98
CA PHE A 74 9.65 4.08 -14.39
C PHE A 74 10.08 2.62 -14.37
N GLY A 75 11.29 2.36 -14.85
CA GLY A 75 11.90 1.07 -14.61
C GLY A 75 12.31 0.92 -13.16
N VAL A 76 12.43 -0.34 -12.75
CA VAL A 76 12.81 -0.70 -11.38
C VAL A 76 14.24 -1.21 -11.43
N GLN A 77 15.12 -0.54 -10.67
CA GLN A 77 16.52 -0.92 -10.62
C GLN A 77 16.75 -2.04 -9.61
N GLU A 78 16.06 -2.00 -8.48
CA GLU A 78 16.29 -2.98 -7.42
C GLU A 78 15.01 -3.19 -6.64
N ILE A 79 14.75 -4.43 -6.25
CA ILE A 79 13.72 -4.75 -5.27
C ILE A 79 14.40 -5.11 -3.96
N ILE A 80 14.09 -4.38 -2.88
CA ILE A 80 14.71 -4.63 -1.58
C ILE A 80 13.63 -5.14 -0.64
N ILE A 81 13.66 -6.44 -0.36
CA ILE A 81 12.65 -7.06 0.49
C ILE A 81 13.26 -7.22 1.87
N HIS A 82 12.46 -6.99 2.90
CA HIS A 82 12.94 -7.19 4.26
C HIS A 82 13.52 -8.59 4.44
N ASP A 83 14.70 -8.65 5.07
CA ASP A 83 15.43 -9.92 5.22
C ASP A 83 14.67 -10.98 6.00
N GLN A 84 13.70 -10.58 6.81
CA GLN A 84 12.96 -11.54 7.63
C GLN A 84 11.61 -11.92 7.02
N TYR A 85 11.26 -11.36 5.87
CA TYR A 85 9.99 -11.69 5.24
C TYR A 85 9.93 -13.17 4.87
N LYS A 86 8.84 -13.83 5.24
CA LYS A 86 8.52 -15.19 4.78
C LYS A 86 7.14 -15.26 4.13
N MET A 87 6.11 -14.74 4.80
CA MET A 87 4.77 -14.66 4.22
C MET A 87 4.03 -13.50 4.88
N ALA A 88 3.06 -12.95 4.15
CA ALA A 88 2.41 -11.72 4.61
C ALA A 88 1.89 -11.86 6.04
N GLU A 89 1.21 -12.99 6.32
CA GLU A 89 0.52 -13.13 7.60
C GLU A 89 1.46 -13.15 8.79
N SER A 90 2.74 -13.47 8.60
CA SER A 90 3.68 -13.53 9.70
C SER A 90 4.62 -12.32 9.76
N GLY A 91 4.30 -11.26 9.02
CA GLY A 91 4.94 -9.96 9.21
C GLY A 91 6.10 -9.71 8.26
N TYR A 92 6.75 -8.57 8.50
CA TYR A 92 7.86 -8.08 7.66
C TYR A 92 7.45 -7.91 6.20
N ASP A 93 6.18 -7.61 5.96
CA ASP A 93 5.65 -7.50 4.60
C ASP A 93 5.92 -6.08 4.09
N ILE A 94 7.16 -5.84 3.69
CA ILE A 94 7.59 -4.51 3.28
C ILE A 94 8.71 -4.66 2.26
N ALA A 95 8.68 -3.80 1.25
CA ALA A 95 9.65 -3.82 0.18
C ALA A 95 9.87 -2.40 -0.31
N LEU A 96 11.09 -2.11 -0.69
CA LEU A 96 11.45 -0.88 -1.38
C LEU A 96 11.74 -1.20 -2.84
N LEU A 97 11.25 -0.35 -3.73
CA LEU A 97 11.66 -0.38 -5.14
C LEU A 97 12.53 0.85 -5.37
N LYS A 98 13.77 0.61 -5.82
CA LYS A 98 14.62 1.70 -6.26
C LYS A 98 14.36 1.88 -7.75
N LEU A 99 13.96 3.09 -8.15
CA LEU A 99 13.66 3.33 -9.56
C LEU A 99 14.93 3.63 -10.34
N GLU A 100 14.86 3.43 -11.66
CA GLU A 100 16.02 3.65 -12.49
C GLU A 100 16.30 5.12 -12.74
N THR A 101 15.37 6.01 -12.41
CA THR A 101 15.61 7.44 -12.53
C THR A 101 14.74 8.13 -11.50
N THR A 102 14.91 9.44 -11.38
CA THR A 102 14.20 10.19 -10.36
C THR A 102 12.84 10.67 -10.86
N VAL A 103 11.85 10.57 -9.99
CA VAL A 103 10.56 11.17 -10.21
C VAL A 103 10.69 12.68 -10.08
N ASN A 104 10.26 13.42 -11.09
CA ASN A 104 10.07 14.86 -10.92
C ASN A 104 8.70 15.07 -10.31
N TYR A 105 8.66 15.69 -9.13
CA TYR A 105 7.38 15.86 -8.44
C TYR A 105 6.52 16.90 -9.16
N THR A 106 5.25 16.57 -9.36
CA THR A 106 4.28 17.45 -10.00
C THR A 106 2.97 17.32 -9.22
N ASP A 107 1.95 18.06 -9.67
CA ASP A 107 0.65 17.96 -9.01
C ASP A 107 0.08 16.54 -9.02
N SER A 108 0.48 15.71 -9.98
CA SER A 108 -0.03 14.35 -10.07
C SER A 108 0.87 13.30 -9.43
N GLN A 109 2.12 13.64 -9.08
CA GLN A 109 3.03 12.66 -8.49
C GLN A 109 3.85 13.35 -7.41
N ARG A 110 3.60 12.96 -6.16
CA ARG A 110 4.12 13.67 -4.99
C ARG A 110 4.50 12.65 -3.95
N PRO A 111 5.48 12.94 -3.10
CA PRO A 111 5.83 12.01 -2.02
C PRO A 111 4.86 12.12 -0.85
N ILE A 112 4.74 11.02 -0.11
CA ILE A 112 4.10 11.03 1.21
C ILE A 112 5.17 10.87 2.28
N SER A 113 5.01 11.61 3.38
CA SER A 113 5.96 11.55 4.49
CA SER A 113 5.96 11.55 4.49
C SER A 113 5.81 10.25 5.28
N LEU A 114 6.93 9.79 5.83
CA LEU A 114 6.89 8.68 6.78
C LEU A 114 6.36 9.20 8.11
N PRO A 115 5.87 8.32 8.98
CA PRO A 115 5.56 8.75 10.35
C PRO A 115 6.82 9.13 11.12
N SER A 116 6.63 10.01 12.11
CA SER A 116 7.68 10.30 13.07
C SER A 116 7.66 9.27 14.19
N LYS A 117 8.85 8.89 14.67
CA LYS A 117 8.90 8.10 15.89
C LYS A 117 8.52 8.94 17.10
N GLY A 118 8.80 10.24 17.06
CA GLY A 118 8.22 11.15 18.02
C GLY A 118 6.72 11.31 17.87
N ASP A 119 6.14 10.70 16.85
CA ASP A 119 4.69 10.65 16.62
C ASP A 119 4.16 9.23 16.76
N ARG A 120 4.78 8.40 17.59
CA ARG A 120 4.27 7.05 17.77
C ARG A 120 3.12 7.00 18.78
N ASN A 121 2.96 8.04 19.59
CA ASN A 121 1.85 8.12 20.53
C ASN A 121 0.74 9.04 20.04
N VAL A 122 0.63 9.25 18.73
CA VAL A 122 -0.50 10.00 18.17
C VAL A 122 -1.59 9.00 17.80
N ILE A 123 -2.83 9.38 18.07
CA ILE A 123 -3.99 8.59 17.67
C ILE A 123 -4.48 9.14 16.34
N TYR A 124 -4.30 8.37 15.28
CA TYR A 124 -4.75 8.79 13.95
C TYR A 124 -6.24 8.52 13.80
N THR A 125 -7.02 9.57 13.53
CA THR A 125 -8.45 9.45 13.35
C THR A 125 -8.92 9.72 11.93
N ASP A 126 -8.01 9.96 10.98
CA ASP A 126 -8.42 10.34 9.63
C ASP A 126 -7.57 9.53 8.63
N CYS A 127 -7.91 8.26 8.47
CA CYS A 127 -7.11 7.31 7.71
C CYS A 127 -7.89 6.75 6.53
N TRP A 128 -7.17 6.54 5.42
CA TRP A 128 -7.78 6.20 4.15
C TRP A 128 -6.97 5.11 3.50
N VAL A 129 -7.66 4.14 2.90
CA VAL A 129 -7.04 3.10 2.09
C VAL A 129 -7.48 3.31 0.64
N THR A 130 -6.54 3.11 -0.29
CA THR A 130 -6.79 3.46 -1.69
C THR A 130 -6.24 2.36 -2.57
N GLY A 131 -6.87 2.16 -3.72
CA GLY A 131 -6.33 1.18 -4.65
C GLY A 131 -7.29 0.86 -5.77
N TRP A 132 -6.79 0.04 -6.69
CA TRP A 132 -7.55 -0.43 -7.84
C TRP A 132 -8.08 -1.84 -7.65
N GLY A 133 -8.10 -2.34 -6.43
CA GLY A 133 -8.45 -3.73 -6.21
C GLY A 133 -9.93 -4.02 -6.30
N TYR A 134 -10.26 -5.28 -6.02
CA TYR A 134 -11.63 -5.78 -6.09
C TYR A 134 -12.57 -4.98 -5.19
N ARG A 135 -13.82 -4.84 -5.63
CA ARG A 135 -14.87 -4.27 -4.79
C ARG A 135 -15.58 -5.33 -3.96
N LYS A 136 -15.26 -6.61 -4.18
CA LYS A 136 -15.77 -7.73 -3.42
C LYS A 136 -14.86 -8.92 -3.75
N LEU A 137 -15.05 -10.03 -3.03
CA LEU A 137 -14.05 -11.09 -3.07
C LEU A 137 -13.91 -11.72 -4.44
N ARG A 138 -15.00 -11.87 -5.19
CA ARG A 138 -14.95 -12.42 -6.55
C ARG A 138 -15.33 -11.27 -7.50
N ASP A 139 -14.32 -10.55 -7.97
CA ASP A 139 -14.55 -9.30 -8.69
C ASP A 139 -13.55 -9.10 -9.82
N LYS A 140 -13.16 -7.85 -10.04
CA LYS A 140 -12.30 -7.44 -11.14
C LYS A 140 -11.43 -6.30 -10.66
N ILE A 141 -10.24 -6.13 -11.25
CA ILE A 141 -9.47 -4.92 -10.97
C ILE A 141 -10.25 -3.73 -11.51
N GLN A 142 -10.34 -2.67 -10.73
CA GLN A 142 -11.13 -1.49 -11.05
C GLN A 142 -10.36 -0.56 -11.98
N ASN A 143 -11.10 0.15 -12.84
CA ASN A 143 -10.46 1.12 -13.71
C ASN A 143 -10.03 2.35 -12.90
N THR A 144 -10.95 2.91 -12.11
CA THR A 144 -10.72 4.16 -11.42
C THR A 144 -10.27 3.89 -9.99
N LEU A 145 -9.16 4.52 -9.60
CA LEU A 145 -8.65 4.43 -8.24
C LEU A 145 -9.76 4.71 -7.24
N GLN A 146 -9.92 3.80 -6.28
CA GLN A 146 -10.96 3.91 -5.26
C GLN A 146 -10.36 4.32 -3.92
N LYS A 147 -11.21 4.89 -3.07
CA LYS A 147 -10.82 5.35 -1.74
C LYS A 147 -11.90 4.96 -0.73
N ALA A 148 -11.46 4.69 0.51
CA ALA A 148 -12.39 4.47 1.62
C ALA A 148 -11.73 4.95 2.91
N LYS A 149 -12.51 5.62 3.75
CA LYS A 149 -12.07 5.99 5.09
C LYS A 149 -12.31 4.82 6.05
N ILE A 150 -11.28 4.44 6.80
CA ILE A 150 -11.36 3.25 7.65
CA ILE A 150 -11.36 3.26 7.65
C ILE A 150 -10.75 3.56 9.02
N PRO A 151 -11.38 3.15 10.12
CA PRO A 151 -10.83 3.46 11.44
C PRO A 151 -9.74 2.48 11.86
N LEU A 152 -8.72 2.99 12.55
CA LEU A 152 -7.71 2.11 13.11
C LEU A 152 -8.27 1.34 14.29
N VAL A 153 -7.76 0.14 14.49
CA VAL A 153 -8.19 -0.79 15.53
C VAL A 153 -7.00 -1.04 16.45
N THR A 154 -7.25 -1.21 17.76
CA THR A 154 -6.13 -1.52 18.64
C THR A 154 -5.57 -2.90 18.32
N ASN A 155 -4.28 -3.10 18.63
CA ASN A 155 -3.68 -4.40 18.37
C ASN A 155 -4.28 -5.48 19.25
N GLU A 156 -4.73 -5.10 20.45
CA GLU A 156 -5.40 -6.04 21.34
C GLU A 156 -6.71 -6.53 20.73
N GLU A 157 -7.51 -5.61 20.17
CA GLU A 157 -8.72 -6.01 19.48
C GLU A 157 -8.39 -6.85 18.25
N CYS A 158 -7.38 -6.42 17.48
CA CYS A 158 -7.02 -7.17 16.28
C CYS A 158 -6.61 -8.60 16.60
N GLN A 159 -5.79 -8.78 17.64
CA GLN A 159 -5.38 -10.14 18.03
C GLN A 159 -6.58 -11.00 18.40
N LYS A 160 -7.59 -10.38 19.03
CA LYS A 160 -8.78 -11.14 19.40
C LYS A 160 -9.55 -11.64 18.17
N ARG A 161 -9.48 -10.90 17.06
CA ARG A 161 -10.15 -11.33 15.83
C ARG A 161 -9.34 -12.36 15.05
N TYR A 162 -8.04 -12.45 15.30
CA TYR A 162 -7.13 -13.32 14.55
C TYR A 162 -6.34 -14.21 15.51
N ARG A 163 -7.05 -15.06 16.25
CA ARG A 163 -6.41 -15.85 17.28
C ARG A 163 -5.48 -16.91 16.71
N GLY A 164 -5.59 -17.22 15.42
CA GLY A 164 -4.67 -18.14 14.79
C GLY A 164 -3.42 -17.51 14.27
N HIS A 165 -3.26 -16.19 14.40
CA HIS A 165 -2.09 -15.48 13.90
C HIS A 165 -1.43 -14.74 15.03
N LYS A 166 -0.16 -14.39 14.84
CA LYS A 166 0.56 -13.58 15.83
C LYS A 166 0.50 -12.14 15.35
N ILE A 167 -0.36 -11.34 15.96
CA ILE A 167 -0.48 -9.93 15.63
C ILE A 167 0.52 -9.19 16.52
N THR A 168 1.52 -8.56 15.91
CA THR A 168 2.59 -7.93 16.65
C THR A 168 2.50 -6.42 16.51
N HIS A 169 3.37 -5.74 17.26
CA HIS A 169 3.49 -4.29 17.16
C HIS A 169 4.00 -3.83 15.80
N LYS A 170 4.47 -4.74 14.96
CA LYS A 170 4.88 -4.36 13.62
C LYS A 170 3.73 -4.41 12.62
N MET A 171 2.53 -4.72 13.08
CA MET A 171 1.31 -4.62 12.28
C MET A 171 0.38 -3.58 12.90
N ILE A 172 -0.48 -3.03 12.05
CA ILE A 172 -1.58 -2.18 12.50
C ILE A 172 -2.84 -2.63 11.76
N CYS A 173 -3.96 -2.69 12.47
CA CYS A 173 -5.19 -3.19 11.88
C CYS A 173 -6.20 -2.06 11.71
N ALA A 174 -7.12 -2.23 10.75
CA ALA A 174 -8.09 -1.18 10.43
C ALA A 174 -9.34 -1.83 9.85
N GLY A 175 -10.50 -1.39 10.32
CA GLY A 175 -11.77 -1.87 9.81
C GLY A 175 -12.90 -1.52 10.76
N TYR A 176 -14.12 -1.54 10.22
CA TYR A 176 -15.33 -1.36 11.01
C TYR A 176 -15.76 -2.69 11.63
N ARG A 177 -16.34 -2.61 12.84
CA ARG A 177 -16.76 -3.83 13.49
C ARG A 177 -17.78 -4.59 12.64
N GLU A 178 -18.65 -3.86 11.95
CA GLU A 178 -19.70 -4.45 11.14
C GLU A 178 -19.26 -4.75 9.72
N GLY A 179 -17.98 -4.53 9.40
CA GLY A 179 -17.48 -4.71 8.04
C GLY A 179 -18.00 -3.65 7.09
N GLY A 180 -17.83 -3.93 5.80
CA GLY A 180 -18.40 -3.13 4.74
C GLY A 180 -17.42 -2.24 3.98
N LYS A 181 -16.28 -1.90 4.60
CA LYS A 181 -15.24 -1.11 3.95
C LYS A 181 -13.89 -1.73 4.30
N ASP A 182 -13.06 -1.98 3.29
CA ASP A 182 -11.79 -2.68 3.51
C ASP A 182 -11.03 -2.69 2.20
N ALA A 183 -9.74 -3.01 2.29
CA ALA A 183 -9.00 -3.37 1.10
C ALA A 183 -9.41 -4.76 0.62
N CYS A 184 -9.10 -5.06 -0.64
CA CYS A 184 -9.39 -6.39 -1.18
C CYS A 184 -8.32 -6.70 -2.22
N LYS A 185 -8.54 -7.79 -2.99
CA LYS A 185 -7.52 -8.29 -3.91
C LYS A 185 -7.12 -7.23 -4.91
N GLY A 186 -5.82 -6.95 -4.97
CA GLY A 186 -5.31 -5.93 -5.85
C GLY A 186 -4.98 -4.62 -5.17
N ASP A 187 -5.37 -4.47 -3.91
CA ASP A 187 -5.00 -3.29 -3.14
C ASP A 187 -3.68 -3.44 -2.40
N SER A 188 -3.20 -4.66 -2.20
CA SER A 188 -2.02 -4.85 -1.36
C SER A 188 -0.83 -4.08 -1.93
N GLY A 189 0.04 -3.65 -1.02
CA GLY A 189 1.18 -2.82 -1.36
C GLY A 189 0.88 -1.33 -1.36
N GLY A 190 -0.40 -0.94 -1.51
CA GLY A 190 -0.77 0.44 -1.48
C GLY A 190 -0.76 1.01 -0.07
N PRO A 191 -1.01 2.31 0.03
CA PRO A 191 -0.92 3.02 1.31
C PRO A 191 -2.18 2.95 2.16
N LEU A 192 -1.94 2.94 3.48
CA LEU A 192 -2.91 3.39 4.46
C LEU A 192 -2.42 4.77 4.88
N SER A 193 -3.10 5.82 4.39
CA SER A 193 -2.67 7.20 4.55
C SER A 193 -3.51 7.89 5.61
N CYS A 194 -2.85 8.53 6.58
CA CYS A 194 -3.56 9.21 7.65
C CYS A 194 -3.14 10.66 7.68
N LYS A 195 -4.10 11.55 7.83
CA LYS A 195 -3.85 12.98 7.85
C LYS A 195 -3.82 13.46 9.30
N HIS A 196 -2.78 14.19 9.65
CA HIS A 196 -2.61 14.70 11.02
C HIS A 196 -2.01 16.09 10.92
N ASN A 197 -2.67 17.07 11.52
CA ASN A 197 -2.28 18.47 11.39
C ASN A 197 -2.16 18.85 9.91
N GLU A 198 -3.05 18.29 9.09
CA GLU A 198 -3.20 18.59 7.67
C GLU A 198 -2.00 18.13 6.84
N VAL A 199 -1.20 17.22 7.39
CA VAL A 199 -0.12 16.58 6.67
C VAL A 199 -0.40 15.09 6.57
N TRP A 200 -0.20 14.51 5.39
CA TRP A 200 -0.41 13.08 5.21
C TRP A 200 0.82 12.28 5.61
N HIS A 201 0.59 11.16 6.29
CA HIS A 201 1.64 10.23 6.71
C HIS A 201 1.31 8.83 6.24
N LEU A 202 2.33 8.11 5.77
CA LEU A 202 2.19 6.73 5.32
C LEU A 202 2.26 5.85 6.56
N VAL A 203 1.09 5.53 7.11
CA VAL A 203 1.02 4.84 8.38
C VAL A 203 1.04 3.33 8.20
N GLY A 204 0.40 2.83 7.14
CA GLY A 204 0.39 1.40 6.89
C GLY A 204 0.63 1.07 5.43
N ILE A 205 1.03 -0.19 5.20
CA ILE A 205 1.05 -0.79 3.87
C ILE A 205 0.04 -1.93 3.85
N THR A 206 -0.87 -1.88 2.88
CA THR A 206 -1.92 -2.88 2.77
C THR A 206 -1.33 -4.28 2.60
N SER A 207 -1.71 -5.22 3.48
CA SER A 207 -1.00 -6.49 3.55
C SER A 207 -1.90 -7.73 3.45
N TRP A 208 -2.79 -7.96 4.42
CA TRP A 208 -3.58 -9.19 4.37
C TRP A 208 -4.83 -9.06 5.23
N GLY A 209 -5.73 -10.03 5.08
CA GLY A 209 -6.94 -10.08 5.89
C GLY A 209 -7.69 -11.34 5.58
N GLU A 210 -8.63 -11.68 6.46
CA GLU A 210 -9.45 -12.88 6.25
C GLU A 210 -10.69 -12.44 5.48
N GLY A 211 -10.74 -12.78 4.18
CA GLY A 211 -11.81 -12.24 3.35
C GLY A 211 -11.62 -10.74 3.14
N CYS A 212 -12.68 -10.10 2.67
CA CYS A 212 -12.68 -8.66 2.40
C CYS A 212 -13.88 -8.03 3.07
N ALA A 213 -13.64 -7.07 3.95
CA ALA A 213 -14.68 -6.25 4.56
C ALA A 213 -15.65 -7.09 5.39
N GLN A 214 -15.20 -8.24 5.88
CA GLN A 214 -16.09 -9.07 6.68
C GLN A 214 -16.27 -8.46 8.08
N ARG A 215 -17.39 -8.80 8.70
CA ARG A 215 -17.65 -8.37 10.07
C ARG A 215 -16.55 -8.89 11.00
N GLU A 216 -16.03 -7.99 11.85
CA GLU A 216 -15.09 -8.34 12.92
C GLU A 216 -13.82 -9.03 12.39
N ARG A 217 -13.41 -8.71 11.17
CA ARG A 217 -12.16 -9.20 10.60
C ARG A 217 -11.46 -8.01 9.95
N PRO A 218 -10.73 -7.22 10.73
CA PRO A 218 -10.08 -6.03 10.17
C PRO A 218 -9.01 -6.39 9.15
N GLY A 219 -8.73 -5.43 8.28
CA GLY A 219 -7.55 -5.52 7.44
C GLY A 219 -6.30 -5.34 8.27
N VAL A 220 -5.23 -6.01 7.85
CA VAL A 220 -3.95 -5.97 8.54
C VAL A 220 -2.95 -5.28 7.63
N TYR A 221 -2.19 -4.34 8.19
CA TYR A 221 -1.29 -3.48 7.46
C TYR A 221 0.09 -3.54 8.11
N THR A 222 1.14 -3.42 7.30
CA THR A 222 2.46 -3.26 7.86
C THR A 222 2.54 -1.90 8.56
N ASN A 223 3.01 -1.90 9.82
CA ASN A 223 3.07 -0.70 10.66
C ASN A 223 4.35 0.07 10.30
N VAL A 224 4.22 1.04 9.39
CA VAL A 224 5.39 1.66 8.76
C VAL A 224 6.31 2.32 9.78
N VAL A 225 5.75 2.91 10.84
CA VAL A 225 6.60 3.60 11.82
C VAL A 225 7.64 2.66 12.43
N GLU A 226 7.32 1.36 12.55
CA GLU A 226 8.24 0.39 13.11
C GLU A 226 9.34 0.01 12.14
N TYR A 227 9.26 0.44 10.89
CA TYR A 227 10.26 0.16 9.88
C TYR A 227 11.00 1.40 9.41
N VAL A 228 10.85 2.53 10.10
CA VAL A 228 11.47 3.75 9.58
C VAL A 228 13.00 3.64 9.58
N ASP A 229 13.58 3.04 10.62
CA ASP A 229 15.03 2.87 10.66
C ASP A 229 15.51 1.99 9.51
N TRP A 230 14.76 0.93 9.21
CA TRP A 230 15.10 0.06 8.08
C TRP A 230 15.00 0.80 6.76
N ILE A 231 13.96 1.61 6.58
CA ILE A 231 13.82 2.39 5.34
C ILE A 231 14.96 3.37 5.20
N LEU A 232 15.26 4.12 6.27
CA LEU A 232 16.32 5.11 6.16
C LEU A 232 17.66 4.45 5.88
N GLU A 233 17.89 3.27 6.45
CA GLU A 233 19.14 2.57 6.21
C GLU A 233 19.29 2.19 4.75
N LYS A 234 18.21 1.72 4.12
CA LYS A 234 18.30 1.29 2.73
C LYS A 234 18.35 2.46 1.76
N THR A 235 17.69 3.58 2.10
CA THR A 235 17.62 4.72 1.19
C THR A 235 18.77 5.71 1.38
N GLN A 236 19.69 5.46 2.31
CA GLN A 236 20.81 6.40 2.53
C GLN A 236 22.09 5.94 1.83
#